data_8GR5
#
_entry.id   8GR5
#
_cell.length_a   68.239
_cell.length_b   59.768
_cell.length_c   85.221
_cell.angle_alpha   90.000
_cell.angle_beta   110.900
_cell.angle_gamma   90.000
#
_symmetry.space_group_name_H-M   'C 1 2 1'
#
loop_
_entity.id
_entity.type
_entity.pdbx_description
1 polymer AcCop4
2 non-polymer GLYCEROL
3 non-polymer 1-ETHOXY-2-(2-ETHOXYETHOXY)ETHANE
4 water water
#
_entity_poly.entity_id   1
_entity_poly.type   'polypeptide(L)'
_entity_poly.pdbx_seq_one_letter_code
;MSSATKQFTLPDLLAMCPFTGSTNPHYAKAAAESSAWVNSYNILSDRKRAFFVTGSNELLVSHTYPYAGYEQFRTCCDFV
NLLFVVDEVSDDQNGQDARQTGNVYLNAMRDPAWDDGSALAKMTKEFRARLLRYAGPGCYRRFLKHCEDYVDAVAREAEY
RERGYVLDMASFETLRRENSAIRLCFGLFEYVLGVDLPEGVFEDPVFMTLYWAAADMVCWSNDVYSYNMEQAKGHSGNNI
VTVLMRQKNVDLQTASDLVGEHFATLMDRFVTAKGGLPSWSPSVDAAVSDYVRAMEYWVTGNLEWSFETQRYFGVMHAEI
KYTRLISLREREEEELEHHHHHH
;
_entity_poly.pdbx_strand_id   A
#
loop_
_chem_comp.id
_chem_comp.type
_chem_comp.name
_chem_comp.formula
GOL non-polymer GLYCEROL 'C3 H8 O3'
P4G non-polymer 1-ETHOXY-2-(2-ETHOXYETHOXY)ETHANE 'C8 H18 O3'
#
# COMPACT_ATOMS: atom_id res chain seq x y z
N THR A 5 -3.54 29.24 -4.06
CA THR A 5 -3.21 28.21 -5.04
C THR A 5 -4.45 27.41 -5.43
N LYS A 6 -4.86 27.53 -6.70
CA LYS A 6 -6.08 26.91 -7.18
C LYS A 6 -5.84 25.70 -8.09
N GLN A 7 -4.62 25.51 -8.58
CA GLN A 7 -4.28 24.29 -9.29
C GLN A 7 -2.85 23.93 -8.96
N PHE A 8 -2.52 22.66 -9.16
CA PHE A 8 -1.14 22.23 -9.21
C PHE A 8 -1.02 21.07 -10.18
N THR A 9 0.22 20.73 -10.52
CA THR A 9 0.50 19.62 -11.41
C THR A 9 1.27 18.56 -10.66
N LEU A 10 0.87 17.31 -10.87
CA LEU A 10 1.53 16.18 -10.25
C LEU A 10 2.88 15.92 -10.93
N PRO A 11 3.83 15.34 -10.19
CA PRO A 11 5.11 14.97 -10.81
C PRO A 11 4.92 13.82 -11.77
N ASP A 12 5.81 13.74 -12.76
CA ASP A 12 5.68 12.72 -13.80
C ASP A 12 6.39 11.45 -13.33
N LEU A 13 5.75 10.79 -12.37
CA LEU A 13 6.33 9.59 -11.77
C LEU A 13 6.45 8.45 -12.80
N LEU A 14 5.53 8.37 -13.74
CA LEU A 14 5.62 7.30 -14.71
C LEU A 14 6.81 7.49 -15.64
N ALA A 15 7.20 8.75 -15.90
CA ALA A 15 8.40 9.00 -16.68
C ALA A 15 9.66 8.52 -15.98
N MET A 16 9.64 8.48 -14.65
CA MET A 16 10.81 8.16 -13.85
C MET A 16 10.94 6.68 -13.59
N CYS A 17 10.10 5.86 -14.21
CA CYS A 17 9.92 4.47 -13.78
C CYS A 17 10.40 3.57 -14.91
N PRO A 18 11.56 2.91 -14.77
CA PRO A 18 12.10 2.14 -15.88
C PRO A 18 11.48 0.76 -16.05
N PHE A 19 10.49 0.41 -15.22
CA PHE A 19 9.96 -0.94 -15.16
C PHE A 19 8.69 -1.08 -15.98
N THR A 20 8.46 -2.28 -16.50
CA THR A 20 7.27 -2.57 -17.29
C THR A 20 6.26 -3.30 -16.42
N GLY A 21 5.06 -2.78 -16.35
CA GLY A 21 4.05 -3.39 -15.53
C GLY A 21 3.27 -4.44 -16.29
N SER A 22 2.48 -5.20 -15.54
CA SER A 22 1.63 -6.21 -16.14
C SER A 22 0.34 -6.27 -15.32
N THR A 23 -0.59 -7.11 -15.76
CA THR A 23 -1.80 -7.41 -14.99
C THR A 23 -1.95 -8.91 -14.83
N ASN A 24 -2.79 -9.30 -13.87
CA ASN A 24 -3.04 -10.71 -13.59
C ASN A 24 -4.16 -11.25 -14.48
N PRO A 25 -3.92 -12.31 -15.26
CA PRO A 25 -4.99 -12.89 -16.10
C PRO A 25 -6.18 -13.45 -15.33
N HIS A 26 -6.06 -13.73 -14.02
CA HIS A 26 -7.15 -14.28 -13.23
C HIS A 26 -8.06 -13.20 -12.63
N TYR A 27 -7.89 -11.94 -13.04
CA TYR A 27 -8.64 -10.84 -12.44
C TYR A 27 -10.14 -11.06 -12.59
N ALA A 28 -10.62 -11.22 -13.83
CA ALA A 28 -12.05 -11.32 -14.10
C ALA A 28 -12.74 -12.28 -13.15
N LYS A 29 -12.22 -13.50 -13.02
CA LYS A 29 -12.90 -14.50 -12.19
C LYS A 29 -12.59 -14.31 -10.72
N ALA A 30 -11.31 -14.10 -10.37
CA ALA A 30 -10.95 -14.04 -8.96
C ALA A 30 -11.46 -12.76 -8.30
N ALA A 31 -11.43 -11.63 -9.00
CA ALA A 31 -11.97 -10.39 -8.44
C ALA A 31 -13.45 -10.52 -8.12
N ALA A 32 -14.22 -11.11 -9.03
CA ALA A 32 -15.65 -11.26 -8.81
C ALA A 32 -15.94 -12.13 -7.59
N GLU A 33 -15.24 -13.25 -7.47
CA GLU A 33 -15.38 -14.09 -6.28
C GLU A 33 -15.02 -13.33 -5.02
N SER A 34 -14.00 -12.47 -5.07
CA SER A 34 -13.62 -11.72 -3.88
C SER A 34 -14.60 -10.58 -3.62
N SER A 35 -15.09 -9.92 -4.67
CA SER A 35 -16.20 -8.98 -4.50
C SER A 35 -17.41 -9.67 -3.87
N ALA A 36 -17.71 -10.89 -4.30
CA ALA A 36 -18.83 -11.62 -3.72
C ALA A 36 -18.55 -12.01 -2.27
N TRP A 37 -17.31 -12.34 -1.95
CA TRP A 37 -16.95 -12.68 -0.57
C TRP A 37 -17.16 -11.50 0.37
N VAL A 38 -16.70 -10.32 -0.04
CA VAL A 38 -16.92 -9.10 0.74
C VAL A 38 -18.41 -8.86 0.93
N ASN A 39 -19.17 -8.90 -0.16
CA ASN A 39 -20.59 -8.56 -0.14
C ASN A 39 -21.39 -9.46 0.79
N SER A 40 -20.88 -10.64 1.09
CA SER A 40 -21.59 -11.67 1.84
C SER A 40 -21.56 -11.41 3.35
N TYR A 41 -21.18 -10.21 3.75
CA TYR A 41 -21.03 -9.88 5.17
C TYR A 41 -21.77 -8.60 5.43
N GLY A 55 -14.69 -4.19 -7.25
CA GLY A 55 -14.00 -4.44 -8.51
C GLY A 55 -12.82 -3.50 -8.74
N SER A 56 -12.87 -2.32 -8.13
CA SER A 56 -11.78 -1.38 -8.31
C SER A 56 -10.63 -1.66 -7.35
N ASN A 57 -10.93 -2.05 -6.11
CA ASN A 57 -9.90 -2.50 -5.18
C ASN A 57 -9.12 -3.66 -5.75
N GLU A 58 -9.81 -4.59 -6.41
CA GLU A 58 -9.12 -5.74 -6.97
C GLU A 58 -8.27 -5.36 -8.16
N LEU A 59 -8.53 -4.23 -8.78
CA LEU A 59 -7.72 -3.85 -9.94
C LEU A 59 -6.31 -3.50 -9.51
N LEU A 60 -6.17 -2.88 -8.34
CA LEU A 60 -4.87 -2.63 -7.77
C LEU A 60 -4.14 -3.94 -7.55
N VAL A 61 -4.84 -4.94 -7.03
CA VAL A 61 -4.24 -6.26 -6.81
C VAL A 61 -3.78 -6.88 -8.13
N SER A 62 -4.62 -6.80 -9.17
CA SER A 62 -4.23 -7.37 -10.45
C SER A 62 -2.96 -6.73 -10.98
N HIS A 63 -2.83 -5.41 -10.79
CA HIS A 63 -1.65 -4.71 -11.26
C HIS A 63 -0.42 -4.98 -10.40
N THR A 64 -0.60 -5.22 -9.10
CA THR A 64 0.56 -5.31 -8.23
C THR A 64 1.04 -6.75 -8.03
N TYR A 65 0.14 -7.72 -8.25
CA TYR A 65 0.48 -9.14 -8.21
C TYR A 65 0.09 -9.79 -9.53
N PRO A 66 0.70 -9.36 -10.64
CA PRO A 66 0.29 -9.90 -11.94
C PRO A 66 0.83 -11.28 -12.23
N TYR A 67 1.81 -11.75 -11.47
CA TYR A 67 2.40 -13.06 -11.66
C TYR A 67 1.77 -14.12 -10.76
N ALA A 68 0.78 -13.77 -9.94
CA ALA A 68 0.26 -14.70 -8.94
C ALA A 68 -0.68 -15.73 -9.55
N GLY A 69 -0.63 -16.95 -9.03
CA GLY A 69 -1.54 -18.00 -9.48
C GLY A 69 -2.94 -17.77 -8.94
N TYR A 70 -3.90 -18.53 -9.47
CA TYR A 70 -5.30 -18.24 -9.19
C TYR A 70 -5.56 -18.14 -7.69
N GLU A 71 -5.28 -19.21 -6.94
CA GLU A 71 -5.65 -19.22 -5.53
C GLU A 71 -4.87 -18.18 -4.74
N GLN A 72 -3.60 -17.96 -5.09
CA GLN A 72 -2.81 -16.92 -4.44
C GLN A 72 -3.33 -15.53 -4.79
N PHE A 73 -3.79 -15.33 -6.02
CA PHE A 73 -4.32 -14.03 -6.40
C PHE A 73 -5.66 -13.76 -5.73
N ARG A 74 -6.48 -14.79 -5.54
CA ARG A 74 -7.73 -14.63 -4.80
C ARG A 74 -7.45 -14.32 -3.32
N THR A 75 -6.45 -14.96 -2.73
CA THR A 75 -6.06 -14.59 -1.36
C THR A 75 -5.63 -13.13 -1.28
N CYS A 76 -4.88 -12.67 -2.28
CA CYS A 76 -4.42 -11.28 -2.32
C CYS A 76 -5.61 -10.33 -2.45
N CYS A 77 -6.56 -10.67 -3.29
CA CYS A 77 -7.75 -9.84 -3.45
C CYS A 77 -8.52 -9.72 -2.13
N ASP A 78 -8.73 -10.86 -1.46
CA ASP A 78 -9.44 -10.86 -0.19
C ASP A 78 -8.72 -10.04 0.86
N PHE A 79 -7.37 -10.10 0.87
CA PHE A 79 -6.61 -9.40 1.89
C PHE A 79 -6.66 -7.89 1.70
N VAL A 80 -6.54 -7.43 0.46
CA VAL A 80 -6.56 -6.00 0.20
C VAL A 80 -7.93 -5.44 0.49
N ASN A 81 -8.98 -6.17 0.12
CA ASN A 81 -10.34 -5.78 0.47
C ASN A 81 -10.51 -5.68 1.97
N LEU A 82 -9.93 -6.63 2.70
CA LEU A 82 -10.03 -6.60 4.16
C LEU A 82 -9.30 -5.40 4.74
N LEU A 83 -8.19 -4.99 4.13
CA LEU A 83 -7.54 -3.75 4.58
C LEU A 83 -8.41 -2.55 4.27
N PHE A 84 -8.93 -2.48 3.05
CA PHE A 84 -9.86 -1.42 2.68
C PHE A 84 -11.02 -1.34 3.66
N VAL A 85 -11.53 -2.49 4.13
CA VAL A 85 -12.60 -2.49 5.12
C VAL A 85 -12.10 -1.91 6.43
N VAL A 86 -10.95 -2.41 6.91
CA VAL A 86 -10.39 -1.93 8.18
C VAL A 86 -10.08 -0.45 8.09
N ASP A 87 -9.44 -0.02 6.99
CA ASP A 87 -9.11 1.37 6.79
C ASP A 87 -10.35 2.25 6.82
N GLU A 88 -11.43 1.81 6.16
CA GLU A 88 -12.59 2.68 6.01
C GLU A 88 -13.41 2.76 7.29
N VAL A 89 -13.56 1.64 7.98
CA VAL A 89 -14.15 1.67 9.32
C VAL A 89 -13.31 2.55 10.24
N SER A 90 -11.98 2.45 10.11
CA SER A 90 -11.07 3.17 11.00
C SER A 90 -11.13 4.68 10.78
N ASP A 91 -11.11 5.12 9.51
CA ASP A 91 -11.08 6.54 9.19
C ASP A 91 -12.29 7.28 9.71
N ASP A 92 -13.34 6.56 10.10
CA ASP A 92 -14.60 7.12 10.58
C ASP A 92 -14.77 6.89 12.08
N GLN A 93 -13.67 6.78 12.83
CA GLN A 93 -13.73 6.40 14.22
C GLN A 93 -12.74 7.24 15.01
N ASN A 94 -12.92 7.25 16.33
CA ASN A 94 -11.97 7.93 17.19
C ASN A 94 -10.81 6.97 17.51
N GLY A 95 -9.86 7.45 18.31
CA GLY A 95 -8.69 6.65 18.61
C GLY A 95 -9.01 5.39 19.39
N GLN A 96 -9.96 5.46 20.31
CA GLN A 96 -10.36 4.30 21.09
C GLN A 96 -11.06 3.27 20.21
N ASP A 97 -11.98 3.72 19.37
CA ASP A 97 -12.74 2.76 18.57
C ASP A 97 -11.88 2.16 17.46
N ALA A 98 -11.07 2.98 16.78
CA ALA A 98 -10.21 2.44 15.73
C ALA A 98 -9.25 1.40 16.29
N ARG A 99 -8.73 1.60 17.49
CA ARG A 99 -7.87 0.60 18.09
C ARG A 99 -8.63 -0.69 18.35
N GLN A 100 -9.93 -0.58 18.66
CA GLN A 100 -10.75 -1.77 18.90
C GLN A 100 -10.99 -2.53 17.61
N THR A 101 -11.25 -1.82 16.52
CA THR A 101 -11.37 -2.46 15.22
C THR A 101 -10.08 -3.18 14.84
N GLY A 102 -8.92 -2.55 15.06
CA GLY A 102 -7.66 -3.23 14.79
C GLY A 102 -7.45 -4.48 15.62
N ASN A 103 -7.85 -4.46 16.89
CA ASN A 103 -7.58 -5.61 17.73
C ASN A 103 -8.44 -6.81 17.37
N VAL A 104 -9.59 -6.55 16.72
CA VAL A 104 -10.41 -7.64 16.19
C VAL A 104 -9.67 -8.33 15.05
N TYR A 105 -9.21 -7.56 14.07
CA TYR A 105 -8.38 -8.09 13.01
C TYR A 105 -7.13 -8.77 13.56
N LEU A 106 -6.46 -8.14 14.54
CA LEU A 106 -5.18 -8.66 15.03
C LEU A 106 -5.36 -9.92 15.88
N ASN A 107 -6.38 -9.95 16.76
CA ASN A 107 -6.59 -11.14 17.58
C ASN A 107 -7.03 -12.34 16.74
N ALA A 108 -7.85 -12.10 15.72
CA ALA A 108 -8.29 -13.19 14.86
C ALA A 108 -7.14 -13.71 14.01
N MET A 109 -6.14 -12.87 13.77
CA MET A 109 -4.95 -13.30 13.06
C MET A 109 -4.00 -14.08 13.97
N ARG A 110 -3.84 -13.66 15.21
CA ARG A 110 -2.79 -14.26 16.03
C ARG A 110 -3.25 -15.53 16.72
N ASP A 111 -4.52 -15.59 17.10
CA ASP A 111 -5.04 -16.61 18.01
C ASP A 111 -6.10 -17.45 17.31
N PRO A 112 -5.85 -18.72 17.04
CA PRO A 112 -6.88 -19.53 16.37
C PRO A 112 -8.15 -19.67 17.20
N ALA A 113 -8.04 -19.66 18.53
CA ALA A 113 -9.20 -19.82 19.39
C ALA A 113 -10.03 -18.55 19.49
N TRP A 114 -9.56 -17.43 18.97
CA TRP A 114 -10.17 -16.15 19.24
C TRP A 114 -11.17 -15.81 18.16
N ASP A 115 -12.36 -15.35 18.59
CA ASP A 115 -13.45 -15.04 17.68
C ASP A 115 -14.67 -14.52 18.41
N ASP A 116 -14.96 -13.24 18.26
CA ASP A 116 -16.07 -12.58 18.94
C ASP A 116 -17.38 -12.65 18.16
N GLY A 117 -17.41 -13.36 17.05
CA GLY A 117 -18.63 -13.52 16.28
C GLY A 117 -18.96 -12.40 15.34
N SER A 118 -18.14 -11.35 15.27
CA SER A 118 -18.47 -10.22 14.44
C SER A 118 -18.12 -10.51 12.99
N ALA A 119 -18.62 -9.65 12.11
CA ALA A 119 -18.35 -9.77 10.68
C ALA A 119 -16.86 -9.68 10.39
N LEU A 120 -16.20 -8.68 10.98
CA LEU A 120 -14.78 -8.48 10.72
C LEU A 120 -13.94 -9.65 11.17
N ALA A 121 -14.30 -10.29 12.29
CA ALA A 121 -13.52 -11.43 12.76
C ALA A 121 -13.69 -12.62 11.83
N LYS A 122 -14.90 -12.83 11.33
CA LYS A 122 -15.15 -13.92 10.39
C LYS A 122 -14.41 -13.70 9.08
N MET A 123 -14.45 -12.47 8.55
CA MET A 123 -13.67 -12.15 7.36
C MET A 123 -12.19 -12.42 7.59
N THR A 124 -11.68 -11.99 8.75
CA THR A 124 -10.27 -12.21 9.09
C THR A 124 -9.94 -13.69 9.12
N LYS A 125 -10.74 -14.47 9.87
CA LYS A 125 -10.51 -15.91 9.97
C LYS A 125 -10.55 -16.59 8.61
N GLU A 126 -11.45 -16.18 7.72
CA GLU A 126 -11.48 -16.75 6.38
C GLU A 126 -10.15 -16.49 5.67
N PHE A 127 -9.67 -15.25 5.71
CA PHE A 127 -8.39 -14.95 5.05
C PHE A 127 -7.25 -15.72 5.71
N ARG A 128 -7.23 -15.75 7.04
CA ARG A 128 -6.19 -16.47 7.76
C ARG A 128 -6.09 -17.91 7.29
N ALA A 129 -7.24 -18.55 7.11
CA ALA A 129 -7.26 -19.95 6.70
C ALA A 129 -6.67 -20.10 5.31
N ARG A 130 -7.02 -19.18 4.40
CA ARG A 130 -6.39 -19.17 3.09
C ARG A 130 -4.88 -19.04 3.20
N LEU A 131 -4.41 -18.03 3.94
CA LEU A 131 -2.98 -17.77 4.02
C LEU A 131 -2.24 -18.97 4.58
N LEU A 132 -2.82 -19.66 5.57
CA LEU A 132 -2.15 -20.73 6.28
C LEU A 132 -2.07 -22.04 5.50
N ARG A 133 -2.75 -22.13 4.36
CA ARG A 133 -2.58 -23.32 3.50
C ARG A 133 -1.16 -23.46 3.01
N TYR A 134 -0.52 -22.35 2.62
CA TYR A 134 0.79 -22.38 1.97
C TYR A 134 1.84 -21.51 2.61
N ALA A 135 1.49 -20.64 3.57
CA ALA A 135 2.46 -19.80 4.24
C ALA A 135 3.45 -20.64 5.05
N GLY A 136 4.75 -20.39 4.84
CA GLY A 136 5.77 -21.05 5.64
C GLY A 136 5.94 -20.39 6.99
N PRO A 137 6.77 -21.00 7.84
CA PRO A 137 6.90 -20.47 9.21
C PRO A 137 7.51 -19.07 9.26
N GLY A 138 8.37 -18.72 8.31
CA GLY A 138 8.93 -17.38 8.30
C GLY A 138 7.97 -16.34 7.78
N CYS A 139 7.27 -16.67 6.70
CA CYS A 139 6.22 -15.78 6.18
C CYS A 139 5.18 -15.46 7.26
N TYR A 140 4.71 -16.47 7.99
CA TYR A 140 3.64 -16.22 8.96
C TYR A 140 4.16 -15.42 10.15
N ARG A 141 5.40 -15.70 10.59
CA ARG A 141 6.02 -14.96 11.68
C ARG A 141 6.19 -13.49 11.33
N ARG A 142 6.75 -13.20 10.17
CA ARG A 142 6.91 -11.81 9.75
C ARG A 142 5.57 -11.14 9.54
N PHE A 143 4.58 -11.91 9.10
CA PHE A 143 3.28 -11.32 8.76
C PHE A 143 2.54 -10.90 10.03
N LEU A 144 2.56 -11.74 11.06
CA LEU A 144 1.94 -11.33 12.31
C LEU A 144 2.63 -10.09 12.88
N LYS A 145 3.96 -10.03 12.77
CA LYS A 145 4.68 -8.86 13.28
C LYS A 145 4.26 -7.61 12.53
N HIS A 146 4.13 -7.71 11.22
CA HIS A 146 3.62 -6.58 10.46
C HIS A 146 2.17 -6.30 10.76
N CYS A 147 1.42 -7.29 11.25
CA CYS A 147 0.02 -7.05 11.60
C CYS A 147 -0.05 -6.19 12.86
N GLU A 148 0.77 -6.49 13.85
CA GLU A 148 0.78 -5.70 15.07
C GLU A 148 1.21 -4.27 14.80
N ASP A 149 2.21 -4.07 13.96
CA ASP A 149 2.70 -2.72 13.68
C ASP A 149 1.67 -1.94 12.87
N TYR A 150 1.00 -2.59 11.95
CA TYR A 150 -0.04 -1.94 11.16
C TYR A 150 -1.18 -1.46 12.05
N VAL A 151 -1.70 -2.33 12.92
CA VAL A 151 -2.83 -2.00 13.78
C VAL A 151 -2.48 -0.82 14.69
N ASP A 152 -1.31 -0.88 15.34
CA ASP A 152 -0.88 0.24 16.18
C ASP A 152 -0.81 1.54 15.39
N ALA A 153 -0.23 1.51 14.18
CA ALA A 153 -0.07 2.72 13.40
C ALA A 153 -1.43 3.25 12.92
N VAL A 154 -2.36 2.36 12.60
CA VAL A 154 -3.70 2.80 12.23
C VAL A 154 -4.39 3.41 13.44
N ALA A 155 -4.22 2.79 14.60
CA ALA A 155 -4.81 3.34 15.82
C ALA A 155 -4.28 4.75 16.08
N ARG A 156 -2.95 4.90 16.06
CA ARG A 156 -2.35 6.21 16.25
C ARG A 156 -2.76 7.20 15.18
N GLU A 157 -2.88 6.74 13.93
CA GLU A 157 -3.30 7.64 12.86
C GLU A 157 -4.68 8.19 13.13
N ALA A 158 -5.57 7.36 13.69
CA ALA A 158 -6.89 7.84 14.04
C ALA A 158 -6.81 8.86 15.18
N GLU A 159 -5.94 8.58 16.16
CA GLU A 159 -5.74 9.49 17.28
C GLU A 159 -5.29 10.86 16.82
N TYR A 160 -4.37 10.90 15.86
CA TYR A 160 -3.83 12.17 15.36
C TYR A 160 -4.81 12.90 14.46
N ARG A 161 -5.60 12.18 13.68
CA ARG A 161 -6.58 12.85 12.83
C ARG A 161 -7.66 13.55 13.67
N GLU A 162 -8.11 12.93 14.75
CA GLU A 162 -9.16 13.56 15.54
C GLU A 162 -8.64 14.73 16.39
N ARG A 163 -7.33 14.82 16.60
CA ARG A 163 -6.69 15.90 17.33
C ARG A 163 -6.24 17.07 16.47
N GLY A 164 -6.14 16.91 15.16
CA GLY A 164 -5.56 17.94 14.31
C GLY A 164 -4.04 17.94 14.27
N TYR A 165 -3.40 16.89 14.75
CA TYR A 165 -1.95 16.82 14.91
C TYR A 165 -1.30 16.28 13.63
N VAL A 166 -0.44 17.09 13.02
CA VAL A 166 0.38 16.67 11.88
C VAL A 166 1.77 16.33 12.39
N LEU A 167 2.28 15.17 11.98
CA LEU A 167 3.61 14.78 12.44
C LEU A 167 4.70 15.54 11.71
N ASP A 168 5.84 15.65 12.39
CA ASP A 168 7.06 16.03 11.72
C ASP A 168 7.49 14.91 10.76
N MET A 169 8.32 15.28 9.79
CA MET A 169 8.59 14.42 8.63
C MET A 169 9.13 13.05 9.03
N ALA A 170 10.13 12.99 9.91
CA ALA A 170 10.77 11.72 10.23
C ALA A 170 9.86 10.83 11.04
N SER A 171 9.12 11.41 11.99
CA SER A 171 8.08 10.67 12.70
C SER A 171 7.00 10.20 11.74
N PHE A 172 6.66 11.03 10.75
CA PHE A 172 5.59 10.67 9.84
C PHE A 172 5.96 9.46 8.99
N GLU A 173 7.20 9.38 8.52
CA GLU A 173 7.56 8.26 7.67
C GLU A 173 7.49 6.95 8.42
N THR A 174 8.06 6.89 9.62
CA THR A 174 7.96 5.69 10.45
C THR A 174 6.52 5.22 10.53
N LEU A 175 5.59 6.15 10.79
CA LEU A 175 4.18 5.79 10.95
C LEU A 175 3.56 5.41 9.60
N ARG A 176 3.75 6.26 8.60
CA ARG A 176 3.17 5.98 7.28
C ARG A 176 3.67 4.66 6.71
N ARG A 177 4.90 4.27 6.99
CA ARG A 177 5.39 2.99 6.49
C ARG A 177 4.57 1.82 7.00
N GLU A 178 3.94 1.96 8.17
CA GLU A 178 3.15 0.90 8.80
C GLU A 178 1.65 1.02 8.56
N ASN A 179 1.09 2.24 8.58
CA ASN A 179 -0.34 2.33 8.36
C ASN A 179 -0.70 2.37 6.88
N SER A 180 0.29 2.42 5.99
CA SER A 180 0.05 2.16 4.58
C SER A 180 -0.23 0.69 4.32
N ALA A 181 0.12 -0.19 5.25
CA ALA A 181 0.00 -1.64 5.07
C ALA A 181 0.87 -2.17 3.93
N ILE A 182 1.87 -1.39 3.49
CA ILE A 182 2.74 -1.84 2.40
C ILE A 182 3.66 -2.97 2.85
N ARG A 183 3.96 -3.07 4.14
CA ARG A 183 4.79 -4.17 4.63
C ARG A 183 4.01 -5.48 4.71
N LEU A 184 2.69 -5.39 4.85
CA LEU A 184 1.85 -6.58 4.76
C LEU A 184 1.74 -7.08 3.33
N CYS A 185 1.62 -6.17 2.37
CA CYS A 185 1.51 -6.56 0.98
C CYS A 185 2.83 -7.15 0.47
N PHE A 186 3.95 -6.47 0.75
CA PHE A 186 5.25 -7.08 0.51
C PHE A 186 5.37 -8.37 1.28
N GLY A 187 4.73 -8.45 2.45
CA GLY A 187 4.71 -9.61 3.32
C GLY A 187 3.91 -10.78 2.79
N LEU A 188 3.23 -10.63 1.65
CA LEU A 188 2.59 -11.74 0.95
C LEU A 188 3.45 -12.33 -0.17
N PHE A 189 4.51 -11.64 -0.60
CA PHE A 189 5.39 -12.15 -1.65
C PHE A 189 5.76 -13.62 -1.41
N GLU A 190 6.17 -13.97 -0.20
CA GLU A 190 6.58 -15.33 0.10
C GLU A 190 5.42 -16.33 0.13
N TYR A 191 4.20 -15.87 0.40
CA TYR A 191 3.02 -16.74 0.27
C TYR A 191 2.73 -17.00 -1.20
N VAL A 192 2.73 -15.93 -2.00
CA VAL A 192 2.40 -16.04 -3.41
C VAL A 192 3.43 -16.88 -4.14
N LEU A 193 4.72 -16.71 -3.79
CA LEU A 193 5.80 -17.36 -4.50
C LEU A 193 6.11 -18.74 -3.95
N GLY A 194 5.60 -19.07 -2.77
CA GLY A 194 5.75 -20.41 -2.25
C GLY A 194 7.04 -20.71 -1.51
N VAL A 195 7.82 -19.70 -1.13
CA VAL A 195 9.12 -19.92 -0.50
C VAL A 195 9.32 -18.93 0.64
N ASP A 196 9.88 -19.44 1.74
CA ASP A 196 10.41 -18.59 2.81
C ASP A 196 11.81 -18.14 2.46
N LEU A 197 12.05 -16.86 2.51
CA LEU A 197 13.43 -16.42 2.45
C LEU A 197 14.08 -16.60 3.82
N PRO A 198 15.37 -16.88 3.88
CA PRO A 198 16.03 -17.02 5.18
C PRO A 198 16.30 -15.67 5.81
N GLU A 199 16.41 -15.68 7.13
CA GLU A 199 16.48 -14.43 7.88
C GLU A 199 17.66 -13.56 7.44
N GLY A 200 18.76 -14.19 7.04
CA GLY A 200 19.93 -13.44 6.61
C GLY A 200 19.68 -12.55 5.42
N VAL A 201 18.67 -12.84 4.61
CA VAL A 201 18.37 -11.97 3.49
C VAL A 201 17.72 -10.68 3.98
N PHE A 202 16.79 -10.81 4.92
CA PHE A 202 16.15 -9.62 5.47
C PHE A 202 17.14 -8.74 6.24
N GLU A 203 18.27 -9.29 6.67
CA GLU A 203 19.28 -8.52 7.39
C GLU A 203 20.37 -7.96 6.48
N ASP A 204 20.35 -8.27 5.21
CA ASP A 204 21.39 -7.75 4.33
C ASP A 204 21.15 -6.28 4.03
N PRO A 205 22.14 -5.40 4.19
CA PRO A 205 21.88 -3.96 4.03
C PRO A 205 21.50 -3.57 2.63
N VAL A 206 21.99 -4.29 1.62
CA VAL A 206 21.65 -3.98 0.24
C VAL A 206 20.21 -4.35 -0.04
N PHE A 207 19.76 -5.47 0.53
CA PHE A 207 18.37 -5.87 0.33
C PHE A 207 17.42 -4.96 1.09
N MET A 208 17.77 -4.59 2.33
CA MET A 208 16.96 -3.63 3.10
C MET A 208 16.82 -2.32 2.33
N THR A 209 17.89 -1.91 1.64
CA THR A 209 17.86 -0.73 0.78
C THR A 209 16.78 -0.81 -0.29
N LEU A 210 16.75 -1.92 -1.03
CA LEU A 210 15.73 -2.09 -2.06
C LEU A 210 14.34 -2.12 -1.44
N TYR A 211 14.20 -2.84 -0.32
CA TYR A 211 12.90 -3.00 0.32
C TYR A 211 12.34 -1.65 0.74
N TRP A 212 13.19 -0.79 1.31
CA TRP A 212 12.67 0.48 1.81
C TRP A 212 12.49 1.49 0.69
N ALA A 213 13.36 1.47 -0.31
CA ALA A 213 13.18 2.33 -1.48
C ALA A 213 11.85 2.05 -2.16
N ALA A 214 11.54 0.77 -2.36
CA ALA A 214 10.27 0.40 -2.98
C ALA A 214 9.10 0.68 -2.05
N ALA A 215 9.18 0.30 -0.78
CA ALA A 215 8.12 0.63 0.17
C ALA A 215 7.82 2.12 0.17
N ASP A 216 8.86 2.96 0.20
CA ASP A 216 8.66 4.40 0.23
C ASP A 216 8.18 4.96 -1.09
N MET A 217 8.63 4.40 -2.21
CA MET A 217 8.11 4.86 -3.50
C MET A 217 6.60 4.70 -3.57
N VAL A 218 6.07 3.60 -3.07
CA VAL A 218 4.62 3.42 -3.09
C VAL A 218 3.95 4.45 -2.19
N CYS A 219 4.49 4.63 -0.98
CA CYS A 219 3.90 5.55 -0.01
C CYS A 219 3.85 6.96 -0.56
N TRP A 220 4.93 7.41 -1.19
CA TRP A 220 5.05 8.80 -1.59
C TRP A 220 4.20 9.09 -2.83
N SER A 221 4.19 8.16 -3.80
CA SER A 221 3.32 8.33 -4.95
C SER A 221 1.85 8.32 -4.55
N ASN A 222 1.46 7.39 -3.69
CA ASN A 222 0.08 7.33 -3.25
C ASN A 222 -0.34 8.63 -2.60
N ASP A 223 0.54 9.21 -1.77
CA ASP A 223 0.19 10.43 -1.06
C ASP A 223 -0.03 11.60 -2.01
N VAL A 224 0.89 11.85 -2.95
CA VAL A 224 0.69 12.98 -3.86
C VAL A 224 -0.55 12.77 -4.73
N TYR A 225 -0.90 11.51 -5.00
CA TYR A 225 -2.06 11.25 -5.84
C TYR A 225 -3.36 11.45 -5.07
N SER A 226 -3.38 11.02 -3.81
CA SER A 226 -4.56 11.09 -2.98
C SER A 226 -4.71 12.42 -2.25
N TYR A 227 -3.72 13.30 -2.33
CA TYR A 227 -3.75 14.51 -1.50
C TYR A 227 -5.05 15.28 -1.71
N ASN A 228 -5.43 15.48 -2.96
CA ASN A 228 -6.58 16.33 -3.26
C ASN A 228 -7.87 15.74 -2.67
N MET A 229 -8.03 14.43 -2.74
CA MET A 229 -9.21 13.78 -2.18
C MET A 229 -9.19 13.83 -0.66
N GLU A 230 -8.03 13.57 -0.06
CA GLU A 230 -7.91 13.61 1.39
C GLU A 230 -8.22 15.00 1.92
N GLN A 231 -7.67 16.03 1.28
CA GLN A 231 -7.87 17.38 1.80
C GLN A 231 -9.31 17.83 1.64
N ALA A 232 -10.01 17.38 0.59
CA ALA A 232 -11.43 17.68 0.49
C ALA A 232 -12.22 17.03 1.62
N LYS A 233 -11.64 16.04 2.29
CA LYS A 233 -12.33 15.29 3.34
C LYS A 233 -11.80 15.56 4.74
N GLY A 234 -10.89 16.52 4.91
CA GLY A 234 -10.23 16.71 6.19
C GLY A 234 -9.46 15.49 6.67
N HIS A 235 -8.84 14.76 5.76
CA HIS A 235 -8.11 13.54 6.06
C HIS A 235 -6.65 13.65 5.69
N SER A 236 -6.15 14.88 5.49
CA SER A 236 -4.89 15.10 4.80
C SER A 236 -3.68 15.23 5.71
N GLY A 237 -3.82 15.00 7.02
CA GLY A 237 -2.67 15.08 7.92
C GLY A 237 -1.78 13.85 7.88
N ASN A 238 -2.27 12.74 7.34
CA ASN A 238 -1.46 11.53 7.15
C ASN A 238 -0.92 11.47 5.73
N ASN A 239 -0.29 12.55 5.27
CA ASN A 239 0.06 12.71 3.87
C ASN A 239 1.34 13.54 3.76
N ILE A 240 2.32 13.03 3.00
CA ILE A 240 3.63 13.70 2.91
C ILE A 240 3.52 15.10 2.34
N VAL A 241 2.52 15.35 1.49
CA VAL A 241 2.39 16.68 0.92
C VAL A 241 2.09 17.71 2.01
N THR A 242 1.21 17.34 2.95
CA THR A 242 0.88 18.24 4.05
C THR A 242 2.09 18.44 4.97
N VAL A 243 2.79 17.35 5.28
CA VAL A 243 3.97 17.42 6.14
C VAL A 243 5.05 18.30 5.49
N LEU A 244 5.29 18.12 4.19
CA LEU A 244 6.29 18.93 3.50
C LEU A 244 5.93 20.43 3.53
N MET A 245 4.66 20.76 3.23
CA MET A 245 4.26 22.16 3.22
C MET A 245 4.44 22.83 4.59
N ARG A 246 4.11 22.13 5.67
CA ARG A 246 4.21 22.74 6.98
C ARG A 246 5.63 22.69 7.53
N GLN A 247 6.33 21.58 7.34
CA GLN A 247 7.69 21.50 7.87
C GLN A 247 8.66 22.35 7.06
N LYS A 248 8.48 22.42 5.74
CA LYS A 248 9.39 23.17 4.89
C LYS A 248 8.89 24.56 4.54
N ASN A 249 7.67 24.92 4.90
CA ASN A 249 7.12 26.24 4.60
C ASN A 249 7.13 26.53 3.10
N VAL A 250 6.86 25.50 2.30
CA VAL A 250 6.76 25.65 0.85
C VAL A 250 5.30 25.52 0.44
N ASP A 251 4.99 25.98 -0.76
CA ASP A 251 3.62 25.98 -1.24
C ASP A 251 3.30 24.62 -1.87
N LEU A 252 2.10 24.51 -2.46
CA LEU A 252 1.61 23.19 -2.85
C LEU A 252 2.36 22.64 -4.07
N GLN A 253 2.59 23.49 -5.07
CA GLN A 253 3.31 23.03 -6.25
C GLN A 253 4.74 22.63 -5.91
N THR A 254 5.35 23.32 -4.94
CA THR A 254 6.69 22.94 -4.51
C THR A 254 6.69 21.60 -3.81
N ALA A 255 5.72 21.38 -2.92
CA ALA A 255 5.53 20.07 -2.31
C ALA A 255 5.39 18.99 -3.37
N SER A 256 4.58 19.23 -4.41
CA SER A 256 4.51 18.30 -5.53
C SER A 256 5.88 18.07 -6.12
N ASP A 257 6.61 19.17 -6.38
CA ASP A 257 7.93 19.08 -6.99
C ASP A 257 8.86 18.22 -6.16
N LEU A 258 8.86 18.41 -4.84
CA LEU A 258 9.74 17.65 -3.96
C LEU A 258 9.36 16.18 -3.88
N VAL A 259 8.07 15.85 -4.04
CA VAL A 259 7.68 14.45 -4.09
C VAL A 259 8.23 13.79 -5.35
N GLY A 260 8.19 14.50 -6.47
CA GLY A 260 8.78 13.96 -7.68
C GLY A 260 10.28 13.79 -7.56
N GLU A 261 10.94 14.76 -6.93
CA GLU A 261 12.39 14.66 -6.72
C GLU A 261 12.72 13.49 -5.79
N HIS A 262 11.95 13.31 -4.73
CA HIS A 262 12.24 12.21 -3.82
C HIS A 262 11.98 10.84 -4.45
N PHE A 263 10.94 10.74 -5.29
CA PHE A 263 10.64 9.49 -6.00
C PHE A 263 11.79 9.06 -6.92
N ALA A 264 12.30 10.01 -7.71
CA ALA A 264 13.36 9.71 -8.67
C ALA A 264 14.67 9.35 -7.97
N THR A 265 14.90 9.89 -6.78
CA THR A 265 16.12 9.57 -6.05
C THR A 265 16.06 8.16 -5.48
N LEU A 266 14.91 7.77 -4.93
CA LEU A 266 14.73 6.39 -4.46
C LEU A 266 14.78 5.40 -5.61
N MET A 267 14.28 5.80 -6.79
CA MET A 267 14.34 4.94 -7.95
C MET A 267 15.78 4.77 -8.39
N ASP A 268 16.56 5.84 -8.35
CA ASP A 268 17.99 5.76 -8.61
C ASP A 268 18.64 4.77 -7.65
N ARG A 269 18.31 4.89 -6.37
CA ARG A 269 18.85 4.00 -5.34
C ARG A 269 18.49 2.55 -5.60
N PHE A 270 17.30 2.30 -6.14
CA PHE A 270 16.83 0.94 -6.31
C PHE A 270 17.55 0.25 -7.46
N VAL A 271 17.60 0.91 -8.62
CA VAL A 271 18.17 0.29 -9.80
C VAL A 271 19.66 0.07 -9.58
N THR A 272 20.29 0.92 -8.77
CA THR A 272 21.71 0.76 -8.49
C THR A 272 21.98 -0.34 -7.47
N ALA A 273 21.25 -0.32 -6.35
CA ALA A 273 21.45 -1.37 -5.36
C ALA A 273 21.15 -2.75 -5.95
N LYS A 274 20.12 -2.83 -6.78
CA LYS A 274 19.72 -4.11 -7.36
C LYS A 274 20.92 -4.82 -7.98
N GLY A 275 21.76 -4.08 -8.72
CA GLY A 275 22.95 -4.64 -9.30
C GLY A 275 24.04 -5.05 -8.33
N GLY A 276 23.82 -4.97 -7.02
CA GLY A 276 24.91 -5.25 -6.09
C GLY A 276 24.60 -6.24 -4.99
N LEU A 277 23.63 -7.12 -5.21
CA LEU A 277 23.19 -7.96 -4.11
C LEU A 277 24.18 -9.10 -3.85
N PRO A 278 24.21 -9.61 -2.61
CA PRO A 278 25.08 -10.75 -2.30
C PRO A 278 24.58 -12.02 -2.97
N SER A 279 25.43 -13.05 -2.91
CA SER A 279 25.08 -14.38 -3.39
C SER A 279 25.10 -15.34 -2.22
N TRP A 280 23.94 -15.98 -1.97
CA TRP A 280 23.84 -16.93 -0.87
C TRP A 280 24.01 -18.34 -1.43
N SER A 281 23.05 -18.77 -2.24
CA SER A 281 23.07 -20.06 -2.89
C SER A 281 22.19 -19.98 -4.12
N PRO A 282 22.25 -20.95 -5.04
CA PRO A 282 21.44 -20.80 -6.26
C PRO A 282 19.95 -20.77 -5.98
N SER A 283 19.47 -21.57 -5.02
CA SER A 283 18.04 -21.59 -4.71
C SER A 283 17.60 -20.34 -3.95
N VAL A 284 18.44 -19.81 -3.05
CA VAL A 284 18.12 -18.57 -2.36
C VAL A 284 18.25 -17.36 -3.28
N ASP A 285 19.23 -17.36 -4.18
CA ASP A 285 19.38 -16.25 -5.11
C ASP A 285 18.19 -16.18 -6.05
N ALA A 286 17.65 -17.34 -6.45
CA ALA A 286 16.52 -17.33 -7.37
C ALA A 286 15.27 -16.75 -6.71
N ALA A 287 15.03 -17.10 -5.44
CA ALA A 287 13.89 -16.55 -4.71
C ALA A 287 14.09 -15.05 -4.43
N VAL A 288 15.30 -14.64 -4.05
CA VAL A 288 15.57 -13.22 -3.87
C VAL A 288 15.18 -12.45 -5.12
N SER A 289 15.61 -12.93 -6.29
CA SER A 289 15.30 -12.26 -7.53
C SER A 289 13.80 -12.18 -7.80
N ASP A 290 13.06 -13.23 -7.42
CA ASP A 290 11.62 -13.18 -7.55
C ASP A 290 11.02 -12.08 -6.68
N TYR A 291 11.52 -11.97 -5.45
CA TYR A 291 11.06 -10.95 -4.51
C TYR A 291 11.31 -9.54 -5.04
N VAL A 292 12.45 -9.34 -5.72
CA VAL A 292 12.76 -8.00 -6.19
C VAL A 292 11.86 -7.60 -7.35
N ARG A 293 11.63 -8.49 -8.31
CA ARG A 293 10.67 -8.23 -9.37
C ARG A 293 9.28 -7.96 -8.80
N ALA A 294 8.92 -8.65 -7.72
CA ALA A 294 7.64 -8.40 -7.07
C ALA A 294 7.57 -6.96 -6.56
N MET A 295 8.64 -6.47 -5.92
CA MET A 295 8.66 -5.08 -5.48
C MET A 295 8.50 -4.12 -6.65
N GLU A 296 9.27 -4.35 -7.73
CA GLU A 296 9.15 -3.54 -8.94
C GLU A 296 7.74 -3.55 -9.48
N TYR A 297 7.08 -4.71 -9.41
CA TYR A 297 5.72 -4.81 -9.95
C TYR A 297 4.75 -3.96 -9.14
N TRP A 298 4.95 -3.91 -7.82
CA TRP A 298 4.09 -3.08 -6.97
C TRP A 298 4.24 -1.61 -7.30
N VAL A 299 5.49 -1.14 -7.40
CA VAL A 299 5.74 0.27 -7.68
C VAL A 299 5.03 0.68 -8.95
N THR A 300 5.27 -0.07 -10.03
CA THR A 300 4.70 0.28 -11.32
C THR A 300 3.18 0.13 -11.33
N GLY A 301 2.68 -1.00 -10.80
CA GLY A 301 1.25 -1.25 -10.80
C GLY A 301 0.47 -0.22 -10.00
N ASN A 302 1.02 0.23 -8.87
CA ASN A 302 0.36 1.30 -8.12
C ASN A 302 0.32 2.61 -8.91
N LEU A 303 1.37 2.92 -9.68
CA LEU A 303 1.29 4.12 -10.51
C LEU A 303 0.18 3.98 -11.55
N GLU A 304 0.11 2.84 -12.23
CA GLU A 304 -0.85 2.67 -13.32
C GLU A 304 -2.28 2.59 -12.81
N TRP A 305 -2.49 1.89 -11.69
CA TRP A 305 -3.84 1.80 -11.13
C TRP A 305 -4.37 3.16 -10.72
N SER A 306 -3.49 4.06 -10.30
CA SER A 306 -3.93 5.34 -9.74
C SER A 306 -4.70 6.16 -10.76
N PHE A 307 -4.35 6.05 -12.03
CA PHE A 307 -5.10 6.77 -13.05
C PHE A 307 -6.21 5.93 -13.64
N GLU A 308 -6.33 4.67 -13.23
CA GLU A 308 -7.40 3.82 -13.74
C GLU A 308 -8.64 3.88 -12.89
N THR A 309 -8.48 4.09 -11.59
CA THR A 309 -9.62 4.29 -10.72
C THR A 309 -10.06 5.76 -10.74
N GLN A 310 -11.31 5.98 -10.34
CA GLN A 310 -11.91 7.30 -10.28
C GLN A 310 -11.68 7.99 -8.95
N ARG A 311 -11.14 7.27 -7.96
CA ARG A 311 -11.23 7.74 -6.58
C ARG A 311 -10.26 8.89 -6.25
N TYR A 312 -9.17 9.04 -7.00
CA TYR A 312 -8.24 10.13 -6.73
C TYR A 312 -8.47 11.34 -7.61
N PHE A 313 -8.86 11.14 -8.86
CA PHE A 313 -8.89 12.22 -9.84
C PHE A 313 -10.27 12.48 -10.44
N GLY A 314 -11.28 11.68 -10.11
CA GLY A 314 -12.60 11.94 -10.64
C GLY A 314 -12.80 11.40 -12.05
N VAL A 315 -13.85 11.92 -12.70
CA VAL A 315 -14.25 11.38 -14.00
C VAL A 315 -13.12 11.50 -15.01
N MET A 316 -12.33 12.55 -14.92
CA MET A 316 -11.30 12.78 -15.92
C MET A 316 -10.02 11.96 -15.69
N HIS A 317 -10.02 10.97 -14.79
CA HIS A 317 -8.76 10.33 -14.37
C HIS A 317 -7.92 9.87 -15.56
N ALA A 318 -8.55 9.36 -16.61
CA ALA A 318 -7.79 8.91 -17.78
C ALA A 318 -7.07 10.07 -18.45
N GLU A 319 -7.71 11.23 -18.58
CA GLU A 319 -7.04 12.39 -19.18
C GLU A 319 -5.99 12.95 -18.24
N ILE A 320 -6.25 12.93 -16.94
CA ILE A 320 -5.29 13.44 -15.97
C ILE A 320 -3.96 12.69 -16.05
N LYS A 321 -3.98 11.44 -16.54
CA LYS A 321 -2.74 10.68 -16.71
C LYS A 321 -1.74 11.46 -17.56
N TYR A 322 -2.23 12.26 -18.48
CA TYR A 322 -1.43 12.99 -19.46
C TYR A 322 -1.28 14.46 -19.14
N THR A 323 -2.32 15.13 -18.64
CA THR A 323 -2.20 16.53 -18.29
C THR A 323 -1.50 16.69 -16.96
N ARG A 324 -1.78 15.78 -16.02
CA ARG A 324 -1.31 15.77 -14.64
C ARG A 324 -1.78 17.00 -13.86
N LEU A 325 -2.79 17.69 -14.35
CA LEU A 325 -3.26 18.94 -13.75
C LEU A 325 -4.40 18.68 -12.77
N ILE A 326 -4.27 19.19 -11.54
CA ILE A 326 -5.33 19.12 -10.53
C ILE A 326 -5.84 20.55 -10.35
N SER A 327 -7.11 20.78 -10.68
CA SER A 327 -7.68 22.12 -10.80
C SER A 327 -8.94 22.25 -9.95
N LEU A 328 -9.01 23.32 -9.14
CA LEU A 328 -10.20 23.56 -8.31
C LEU A 328 -11.44 23.86 -9.16
N ARG A 329 -11.28 24.63 -10.24
CA ARG A 329 -12.42 24.91 -11.10
C ARG A 329 -12.95 23.64 -11.73
N GLU A 330 -12.05 22.81 -12.25
CA GLU A 330 -12.43 21.50 -12.76
C GLU A 330 -13.12 20.68 -11.68
N ARG A 331 -12.64 20.76 -10.43
CA ARG A 331 -13.34 20.12 -9.33
C ARG A 331 -14.75 20.68 -9.18
N GLU A 332 -14.87 22.01 -9.14
CA GLU A 332 -16.18 22.64 -9.03
C GLU A 332 -17.06 22.33 -10.24
N GLU A 333 -16.46 22.16 -11.42
CA GLU A 333 -17.27 21.81 -12.58
C GLU A 333 -17.94 20.45 -12.41
N GLU A 334 -17.21 19.46 -11.87
CA GLU A 334 -17.77 18.12 -11.76
C GLU A 334 -18.75 18.02 -10.61
N GLU A 335 -18.47 18.69 -9.49
CA GLU A 335 -19.37 18.63 -8.34
C GLU A 335 -20.75 19.21 -8.65
N LEU A 336 -20.84 20.21 -9.51
CA LEU A 336 -22.12 20.88 -9.74
C LEU A 336 -23.05 20.00 -10.61
C1 GOL B . -4.04 -1.31 -0.05
O1 GOL B . -5.01 -1.31 0.94
C2 GOL B . -2.66 -0.96 0.48
O2 GOL B . -1.74 -1.57 -0.35
C3 GOL B . -2.41 0.56 0.41
O3 GOL B . -1.17 0.84 -0.19
C1 GOL C . 9.33 -5.72 -14.86
O1 GOL C . 9.09 -5.01 -13.68
C2 GOL C . 10.29 -6.88 -14.57
O2 GOL C . 9.97 -7.45 -13.33
C3 GOL C . 10.20 -7.92 -15.69
O3 GOL C . 11.49 -8.37 -16.04
C1 GOL D . -14.90 -8.77 -11.59
O1 GOL D . -15.70 -9.23 -12.64
C2 GOL D . -15.15 -7.28 -11.37
O2 GOL D . -15.38 -6.64 -12.60
C3 GOL D . -16.32 -7.06 -10.41
O3 GOL D . -15.92 -7.26 -9.08
C1 GOL E . -22.14 -14.64 7.82
O1 GOL E . -21.53 -14.37 6.58
C2 GOL E . -21.27 -15.62 8.60
O2 GOL E . -21.97 -16.19 9.66
C3 GOL E . -20.74 -16.71 7.68
O3 GOL E . -19.40 -16.94 7.98
C1 GOL F . -12.09 13.00 -6.61
O1 GOL F . -13.11 12.04 -6.54
C2 GOL F . -12.25 13.96 -5.44
O2 GOL F . -11.88 13.32 -4.26
C3 GOL F . -11.37 15.19 -5.67
O3 GOL F . -11.76 16.21 -4.78
C8 P4G G . -16.79 -17.28 2.70
C7 P4G G . -18.12 -16.76 2.13
O4 P4G G . -17.96 -16.65 0.73
C6 P4G G . -18.98 -16.02 0.03
C5 P4G G . -18.49 -15.67 -1.36
O3 P4G G . -17.88 -16.80 -1.95
C4 P4G G . -17.76 -16.73 -3.36
C3 P4G G . -16.48 -17.43 -3.81
O2 P4G G . -16.30 -18.66 -3.15
C2 P4G G . -15.14 -18.81 -2.38
C1 P4G G . -14.39 -20.08 -2.79
#